data_2X4Z
#
_entry.id   2X4Z
#
_cell.length_a   55.654
_cell.length_b   65.923
_cell.length_c   84.653
_cell.angle_alpha   90.00
_cell.angle_beta   90.00
_cell.angle_gamma   90.00
#
_symmetry.space_group_name_H-M   'P 21 21 21'
#
loop_
_entity.id
_entity.type
_entity.pdbx_description
1 polymer 'SERINE/THREONINE-PROTEIN KINASE PAK 4'
2 non-polymer GLYCEROL
3 non-polymer PF-3758309
4 water water
#
_entity_poly.entity_id   1
_entity_poly.type   'polypeptide(L)'
_entity_poly.pdbx_seq_one_letter_code
;GSHMSHEQFRAALQLVVDPGDPRSYLDNFIKIGEGSTGIVCIATVRSSGKLVAVKKMDLRKQQRRELLFNEVVIMRDYQH
ENVVEMYNSYLVGDELWVVMEFLEGGALTDIVTHTRMNEEQIAAVCLAVLQALSVLHAQGVIHRDIKSDSILLTHDGRVK
LSDFGFCAQVSKEVPRRK(SEP)LVGTPYWMAPELISRLPYGPEVDIWSLGIMVIEMVDGEPPYFNEPPLKAMKMIRDNL
PPRLKNLHKVSPSLKGFLDRLLVRDPAQRATAAELLKHPFLAKAGPPASIVPLMRQNRTR
;
_entity_poly.pdbx_strand_id   A
#
loop_
_chem_comp.id
_chem_comp.type
_chem_comp.name
_chem_comp.formula
7KC non-polymer PF-3758309 'C25 H30 N8 O S'
GOL non-polymer GLYCEROL 'C3 H8 O3'
#
# COMPACT_ATOMS: atom_id res chain seq x y z
N MET A 4 9.43 13.34 -15.57
CA MET A 4 10.22 14.32 -14.75
C MET A 4 11.68 13.90 -14.71
N SER A 5 12.56 14.83 -15.05
CA SER A 5 13.99 14.55 -15.07
C SER A 5 14.67 14.70 -13.72
N HIS A 6 15.93 14.27 -13.67
CA HIS A 6 16.75 14.35 -12.47
C HIS A 6 16.84 15.79 -11.96
N GLU A 7 16.99 16.74 -12.88
CA GLU A 7 17.10 18.14 -12.51
C GLU A 7 15.77 18.71 -12.05
N GLN A 8 14.69 18.38 -12.77
CA GLN A 8 13.36 18.86 -12.41
C GLN A 8 12.94 18.30 -11.04
N PHE A 9 13.29 17.04 -10.81
CA PHE A 9 12.97 16.35 -9.57
C PHE A 9 13.60 17.07 -8.38
N ARG A 10 14.87 17.42 -8.51
CA ARG A 10 15.61 18.12 -7.45
C ARG A 10 15.09 19.54 -7.24
N ALA A 11 14.81 20.24 -8.34
CA ALA A 11 14.32 21.60 -8.28
C ALA A 11 12.96 21.65 -7.58
N ALA A 12 12.08 20.72 -7.95
CA ALA A 12 10.75 20.61 -7.38
C ALA A 12 10.82 20.29 -5.89
N LEU A 13 11.67 19.32 -5.54
CA LEU A 13 11.83 18.91 -4.15
C LEU A 13 12.34 20.01 -3.25
N GLN A 14 13.23 20.85 -3.79
CA GLN A 14 13.77 21.95 -3.00
C GLN A 14 12.69 22.87 -2.46
N LEU A 15 11.55 22.91 -3.13
CA LEU A 15 10.44 23.76 -2.72
C LEU A 15 9.50 23.14 -1.69
N VAL A 16 9.58 21.82 -1.54
CA VAL A 16 8.70 21.14 -0.60
C VAL A 16 9.35 20.49 0.61
N VAL A 17 10.60 20.05 0.47
CA VAL A 17 11.27 19.40 1.60
C VAL A 17 11.61 20.37 2.71
N ASP A 18 11.84 19.81 3.89
CA ASP A 18 12.21 20.61 5.05
C ASP A 18 13.67 21.03 4.84
N PRO A 19 14.06 22.17 5.43
CA PRO A 19 15.44 22.64 5.28
C PRO A 19 16.43 21.94 6.21
N GLY A 20 17.68 21.87 5.77
CA GLY A 20 18.71 21.25 6.59
C GLY A 20 18.96 19.78 6.38
N ASP A 21 19.73 19.22 7.31
CA ASP A 21 20.10 17.81 7.31
C ASP A 21 19.58 17.17 8.59
N PRO A 22 18.85 16.06 8.48
CA PRO A 22 18.29 15.37 9.64
C PRO A 22 19.34 14.81 10.60
N ARG A 23 20.59 14.77 10.17
CA ARG A 23 21.67 14.27 11.02
C ARG A 23 21.96 15.24 12.16
N SER A 24 21.39 16.43 12.08
CA SER A 24 21.59 17.43 13.12
C SER A 24 20.71 17.10 14.32
N TYR A 25 19.72 16.23 14.14
CA TYR A 25 18.85 15.87 15.26
C TYR A 25 18.57 14.37 15.38
N LEU A 26 19.06 13.57 14.45
CA LEU A 26 18.86 12.11 14.48
C LEU A 26 20.21 11.40 14.60
N ASP A 27 20.30 10.44 15.52
CA ASP A 27 21.54 9.72 15.73
C ASP A 27 21.45 8.22 15.46
N ASN A 28 22.63 7.60 15.40
CA ASN A 28 22.75 6.17 15.21
C ASN A 28 21.95 5.58 14.06
N PHE A 29 22.29 5.96 12.83
CA PHE A 29 21.61 5.43 11.64
C PHE A 29 22.07 4.00 11.39
N ILE A 30 21.14 3.07 11.27
CA ILE A 30 21.47 1.68 11.00
C ILE A 30 20.55 1.16 9.90
N LYS A 31 21.14 0.68 8.82
CA LYS A 31 20.38 0.16 7.70
C LYS A 31 19.75 -1.17 8.13
N ILE A 32 18.46 -1.34 7.82
CA ILE A 32 17.77 -2.56 8.19
C ILE A 32 17.09 -3.20 6.99
N GLY A 33 17.12 -2.53 5.86
CA GLY A 33 16.49 -3.09 4.68
C GLY A 33 16.51 -2.22 3.44
N GLU A 34 15.69 -2.62 2.47
CA GLU A 34 15.60 -1.91 1.21
C GLU A 34 14.20 -2.01 0.62
N GLY A 35 13.97 -1.22 -0.41
CA GLY A 35 12.71 -1.21 -1.12
C GLY A 35 13.07 -1.04 -2.57
N SER A 36 12.06 -0.90 -3.44
CA SER A 36 12.33 -0.75 -4.87
C SER A 36 13.06 0.53 -5.25
N THR A 37 12.88 1.59 -4.46
CA THR A 37 13.51 2.88 -4.76
C THR A 37 14.67 3.30 -3.85
N GLY A 38 14.98 2.50 -2.84
CA GLY A 38 16.07 2.87 -1.96
C GLY A 38 16.23 1.99 -0.75
N ILE A 39 16.85 2.52 0.29
CA ILE A 39 17.06 1.75 1.51
C ILE A 39 16.35 2.36 2.71
N VAL A 40 16.27 1.58 3.78
CA VAL A 40 15.62 2.01 5.01
C VAL A 40 16.57 1.86 6.19
N CYS A 41 16.70 2.94 6.95
CA CYS A 41 17.54 2.94 8.13
C CYS A 41 16.69 3.31 9.32
N ILE A 42 17.12 2.90 10.51
CA ILE A 42 16.42 3.27 11.71
C ILE A 42 17.33 4.32 12.30
N ALA A 43 16.76 5.25 13.05
CA ALA A 43 17.55 6.30 13.66
C ALA A 43 16.84 6.75 14.94
N THR A 44 17.59 7.37 15.84
CA THR A 44 17.00 7.81 17.10
C THR A 44 16.88 9.33 17.17
N VAL A 45 15.71 9.80 17.61
CA VAL A 45 15.52 11.24 17.76
C VAL A 45 16.33 11.57 19.02
N ARG A 46 17.37 12.37 18.84
CA ARG A 46 18.27 12.76 19.92
C ARG A 46 17.59 13.30 21.20
N SER A 47 16.56 14.12 21.03
CA SER A 47 15.88 14.71 22.17
C SER A 47 14.94 13.79 22.95
N SER A 48 14.32 12.83 22.27
CA SER A 48 13.36 11.95 22.94
C SER A 48 13.77 10.48 23.03
N GLY A 49 14.72 10.06 22.19
CA GLY A 49 15.13 8.67 22.21
C GLY A 49 14.17 7.79 21.42
N LYS A 50 13.24 8.43 20.74
CA LYS A 50 12.24 7.75 19.93
C LYS A 50 12.84 7.25 18.60
N LEU A 51 12.42 6.07 18.18
CA LEU A 51 12.92 5.49 16.93
C LEU A 51 12.08 5.87 15.71
N VAL A 52 12.76 6.22 14.62
CA VAL A 52 12.08 6.55 13.37
C VAL A 52 12.75 5.78 12.23
N ALA A 53 12.05 5.66 11.11
CA ALA A 53 12.59 4.97 9.94
C ALA A 53 12.94 6.03 8.91
N VAL A 54 14.10 5.90 8.27
CA VAL A 54 14.50 6.87 7.26
C VAL A 54 14.67 6.22 5.90
N LYS A 55 13.84 6.61 4.96
CA LYS A 55 13.90 6.08 3.60
C LYS A 55 14.85 6.98 2.80
N LYS A 56 15.90 6.40 2.24
CA LYS A 56 16.88 7.15 1.45
C LYS A 56 16.76 6.75 -0.02
N MET A 57 16.46 7.71 -0.87
CA MET A 57 16.29 7.44 -2.29
C MET A 57 17.16 8.33 -3.20
N ASP A 58 17.90 7.69 -4.09
CA ASP A 58 18.76 8.42 -5.02
C ASP A 58 17.86 9.15 -6.01
N LEU A 59 18.13 10.43 -6.24
CA LEU A 59 17.33 11.24 -7.16
C LEU A 59 17.56 10.85 -8.62
N ARG A 60 18.77 10.40 -8.91
CA ARG A 60 19.16 10.03 -10.27
C ARG A 60 18.67 8.66 -10.71
N LYS A 61 19.06 7.62 -9.97
CA LYS A 61 18.68 6.25 -10.29
C LYS A 61 17.20 5.95 -10.02
N GLN A 62 16.31 6.64 -10.69
CA GLN A 62 14.87 6.42 -10.50
C GLN A 62 14.07 6.46 -11.78
N GLN A 63 12.84 5.95 -11.70
CA GLN A 63 11.91 5.92 -12.82
C GLN A 63 10.66 6.67 -12.37
N ARG A 64 10.03 7.39 -13.29
CA ARG A 64 8.83 8.16 -12.98
C ARG A 64 8.97 8.90 -11.67
N ARG A 65 9.96 9.79 -11.62
CA ARG A 65 10.24 10.58 -10.44
C ARG A 65 9.03 11.41 -10.02
N GLU A 66 8.18 11.76 -11.00
CA GLU A 66 7.00 12.56 -10.71
C GLU A 66 6.08 11.86 -9.70
N LEU A 67 6.08 10.53 -9.73
CA LEU A 67 5.25 9.77 -8.82
C LEU A 67 5.86 9.77 -7.41
N LEU A 68 7.19 9.87 -7.36
CA LEU A 68 7.90 9.91 -6.08
C LEU A 68 7.68 11.29 -5.46
N PHE A 69 7.56 12.30 -6.33
CA PHE A 69 7.35 13.66 -5.89
C PHE A 69 5.92 13.83 -5.38
N ASN A 70 4.96 13.21 -6.06
CA ASN A 70 3.57 13.29 -5.64
C ASN A 70 3.37 12.56 -4.31
N GLU A 71 4.15 11.51 -4.09
CA GLU A 71 4.07 10.73 -2.86
C GLU A 71 4.41 11.58 -1.64
N VAL A 72 5.40 12.45 -1.77
CA VAL A 72 5.76 13.31 -0.65
C VAL A 72 4.78 14.48 -0.52
N VAL A 73 4.44 15.11 -1.64
CA VAL A 73 3.52 16.25 -1.64
C VAL A 73 2.11 15.87 -1.18
N ILE A 74 1.56 14.81 -1.75
CA ILE A 74 0.21 14.38 -1.39
C ILE A 74 0.11 13.76 0.02
N MET A 75 1.09 12.96 0.40
CA MET A 75 1.04 12.30 1.70
C MET A 75 1.63 13.03 2.90
N ARG A 76 2.26 14.18 2.67
CA ARG A 76 2.80 14.92 3.80
C ARG A 76 1.60 15.54 4.50
N ASP A 77 1.68 15.69 5.81
CA ASP A 77 0.58 16.26 6.59
C ASP A 77 -0.62 15.33 6.62
N TYR A 78 -0.49 14.15 6.02
CA TYR A 78 -1.60 13.22 6.01
C TYR A 78 -1.55 12.44 7.31
N GLN A 79 -2.70 12.25 7.93
CA GLN A 79 -2.77 11.53 9.20
C GLN A 79 -4.01 10.68 9.33
N HIS A 80 -3.79 9.39 9.42
CA HIS A 80 -4.88 8.44 9.58
C HIS A 80 -4.30 7.24 10.29
N GLU A 81 -5.02 6.73 11.28
CA GLU A 81 -4.56 5.59 12.05
C GLU A 81 -4.20 4.37 11.21
N ASN A 82 -4.81 4.25 10.02
CA ASN A 82 -4.54 3.11 9.15
C ASN A 82 -3.60 3.45 8.00
N VAL A 83 -2.88 4.57 8.11
CA VAL A 83 -1.95 4.99 7.08
C VAL A 83 -0.60 5.32 7.70
N VAL A 84 0.47 4.77 7.14
CA VAL A 84 1.80 5.02 7.67
C VAL A 84 2.08 6.51 7.70
N GLU A 85 2.73 6.96 8.76
CA GLU A 85 3.04 8.36 8.94
C GLU A 85 4.38 8.85 8.43
N MET A 86 4.35 10.01 7.79
CA MET A 86 5.53 10.66 7.27
C MET A 86 5.74 11.90 8.14
N TYR A 87 6.92 12.02 8.73
CA TYR A 87 7.21 13.18 9.57
C TYR A 87 7.82 14.33 8.79
N ASN A 88 8.91 14.06 8.08
CA ASN A 88 9.59 15.09 7.31
C ASN A 88 10.34 14.51 6.11
N SER A 89 10.87 15.41 5.28
CA SER A 89 11.64 15.01 4.11
C SER A 89 12.79 16.00 3.98
N TYR A 90 13.91 15.54 3.43
CA TYR A 90 15.09 16.37 3.29
C TYR A 90 15.87 16.01 2.03
N LEU A 91 16.71 16.94 1.58
CA LEU A 91 17.56 16.70 0.43
C LEU A 91 18.98 16.62 1.00
N VAL A 92 19.58 15.45 0.91
CA VAL A 92 20.94 15.25 1.41
C VAL A 92 21.75 14.74 0.23
N GLY A 93 22.71 15.53 -0.22
CA GLY A 93 23.51 15.15 -1.36
C GLY A 93 22.56 15.00 -2.53
N ASP A 94 22.70 13.91 -3.28
CA ASP A 94 21.81 13.65 -4.41
C ASP A 94 20.78 12.61 -4.01
N GLU A 95 20.25 12.75 -2.79
CA GLU A 95 19.24 11.83 -2.27
C GLU A 95 18.08 12.52 -1.56
N LEU A 96 16.93 11.87 -1.61
CA LEU A 96 15.74 12.35 -0.92
C LEU A 96 15.64 11.46 0.31
N TRP A 97 15.64 12.07 1.50
CA TRP A 97 15.52 11.33 2.75
C TRP A 97 14.16 11.62 3.36
N VAL A 98 13.38 10.58 3.61
CA VAL A 98 12.06 10.76 4.18
C VAL A 98 12.05 10.12 5.55
N VAL A 99 11.87 10.94 6.58
CA VAL A 99 11.83 10.44 7.96
C VAL A 99 10.39 10.04 8.22
N MET A 100 10.21 8.78 8.58
CA MET A 100 8.87 8.26 8.81
C MET A 100 8.74 7.42 10.06
N GLU A 101 7.51 6.99 10.29
CA GLU A 101 7.18 6.15 11.42
C GLU A 101 7.83 4.79 11.23
N PHE A 102 8.36 4.24 12.32
CA PHE A 102 8.97 2.93 12.26
C PHE A 102 7.93 1.91 12.76
N LEU A 103 7.61 0.93 11.93
CA LEU A 103 6.65 -0.11 12.30
C LEU A 103 7.39 -1.43 12.47
N GLU A 104 7.40 -1.96 13.69
CA GLU A 104 8.10 -3.19 14.03
C GLU A 104 7.56 -4.51 13.49
N GLY A 105 6.26 -4.56 13.21
CA GLY A 105 5.65 -5.79 12.72
C GLY A 105 6.00 -6.25 11.32
N GLY A 106 6.68 -5.41 10.54
CA GLY A 106 7.02 -5.81 9.18
C GLY A 106 5.83 -5.75 8.23
N ALA A 107 6.03 -6.23 7.00
CA ALA A 107 4.99 -6.23 5.99
C ALA A 107 4.08 -7.45 6.10
N LEU A 108 2.90 -7.37 5.50
CA LEU A 108 1.95 -8.47 5.54
C LEU A 108 2.40 -9.65 4.69
N THR A 109 3.28 -9.39 3.72
CA THR A 109 3.76 -10.45 2.83
C THR A 109 4.46 -11.58 3.59
N ASP A 110 5.21 -11.25 4.63
CA ASP A 110 5.92 -12.26 5.39
C ASP A 110 4.93 -13.22 6.05
N ILE A 111 3.78 -12.68 6.47
CA ILE A 111 2.75 -13.47 7.11
C ILE A 111 1.98 -14.37 6.13
N VAL A 112 1.61 -13.83 4.96
CA VAL A 112 0.86 -14.62 3.99
C VAL A 112 1.68 -15.73 3.32
N THR A 113 3.01 -15.60 3.36
CA THR A 113 3.86 -16.61 2.74
C THR A 113 4.47 -17.58 3.75
N HIS A 114 4.12 -17.47 5.02
CA HIS A 114 4.66 -18.36 6.04
C HIS A 114 3.63 -18.96 7.00
N THR A 115 2.39 -18.47 6.92
CA THR A 115 1.33 -18.97 7.79
C THR A 115 -0.02 -18.92 7.11
N ARG A 116 -1.05 -19.37 7.80
CA ARG A 116 -2.41 -19.36 7.27
C ARG A 116 -3.30 -18.58 8.21
N MET A 117 -3.64 -17.36 7.80
CA MET A 117 -4.49 -16.48 8.59
C MET A 117 -5.92 -17.02 8.67
N ASN A 118 -6.60 -16.72 9.78
CA ASN A 118 -7.98 -17.13 9.95
C ASN A 118 -8.85 -15.93 9.59
N GLU A 119 -10.14 -16.18 9.37
CA GLU A 119 -11.08 -15.13 8.97
C GLU A 119 -11.17 -13.94 9.92
N GLU A 120 -10.75 -14.14 11.17
CA GLU A 120 -10.78 -13.06 12.15
C GLU A 120 -9.64 -12.10 11.86
N GLN A 121 -8.51 -12.66 11.44
CA GLN A 121 -7.32 -11.88 11.12
C GLN A 121 -7.48 -11.15 9.79
N ILE A 122 -8.00 -11.87 8.79
CA ILE A 122 -8.23 -11.30 7.46
C ILE A 122 -9.18 -10.12 7.52
N ALA A 123 -10.32 -10.31 8.20
CA ALA A 123 -11.30 -9.23 8.32
C ALA A 123 -10.68 -8.02 9.03
N ALA A 124 -9.71 -8.27 9.91
CA ALA A 124 -9.05 -7.19 10.63
C ALA A 124 -8.22 -6.35 9.66
N VAL A 125 -7.49 -7.02 8.77
CA VAL A 125 -6.67 -6.34 7.80
C VAL A 125 -7.55 -5.59 6.80
N CYS A 126 -8.60 -6.26 6.34
CA CYS A 126 -9.53 -5.66 5.37
C CYS A 126 -10.19 -4.41 5.94
N LEU A 127 -10.63 -4.49 7.19
CA LEU A 127 -11.28 -3.36 7.85
C LEU A 127 -10.33 -2.18 7.94
N ALA A 128 -9.10 -2.43 8.36
CA ALA A 128 -8.10 -1.38 8.48
C ALA A 128 -7.81 -0.73 7.12
N VAL A 129 -7.57 -1.56 6.11
CA VAL A 129 -7.30 -1.05 4.78
C VAL A 129 -8.49 -0.28 4.25
N LEU A 130 -9.70 -0.81 4.46
CA LEU A 130 -10.90 -0.14 3.97
C LEU A 130 -11.17 1.18 4.66
N GLN A 131 -10.79 1.30 5.93
CA GLN A 131 -10.97 2.56 6.65
C GLN A 131 -10.03 3.59 6.01
N ALA A 132 -8.83 3.14 5.68
CA ALA A 132 -7.86 4.03 5.06
C ALA A 132 -8.33 4.45 3.67
N LEU A 133 -8.82 3.50 2.88
CA LEU A 133 -9.30 3.79 1.52
C LEU A 133 -10.54 4.68 1.45
N SER A 134 -11.50 4.47 2.35
CA SER A 134 -12.72 5.27 2.35
C SER A 134 -12.38 6.75 2.55
N VAL A 135 -11.40 7.02 3.42
CA VAL A 135 -10.97 8.39 3.67
C VAL A 135 -10.13 8.93 2.51
N LEU A 136 -9.26 8.08 1.96
CA LEU A 136 -8.40 8.48 0.85
C LEU A 136 -9.20 8.76 -0.42
N HIS A 137 -10.07 7.83 -0.78
CA HIS A 137 -10.90 7.96 -1.97
C HIS A 137 -11.83 9.17 -1.89
N ALA A 138 -12.37 9.42 -0.70
CA ALA A 138 -13.27 10.57 -0.52
C ALA A 138 -12.52 11.86 -0.83
N GLN A 139 -11.22 11.86 -0.62
CA GLN A 139 -10.40 13.03 -0.88
C GLN A 139 -9.78 12.99 -2.27
N GLY A 140 -10.22 12.04 -3.09
CA GLY A 140 -9.70 11.93 -4.45
C GLY A 140 -8.34 11.25 -4.61
N VAL A 141 -7.82 10.66 -3.54
CA VAL A 141 -6.52 10.00 -3.60
C VAL A 141 -6.64 8.51 -3.92
N ILE A 142 -5.93 8.06 -4.95
CA ILE A 142 -5.95 6.65 -5.33
C ILE A 142 -4.56 6.08 -5.07
N HIS A 143 -4.48 5.03 -4.27
CA HIS A 143 -3.20 4.41 -3.93
C HIS A 143 -2.52 3.80 -5.16
N ARG A 144 -3.23 2.90 -5.84
CA ARG A 144 -2.74 2.24 -7.06
C ARG A 144 -1.71 1.14 -6.93
N ASP A 145 -1.34 0.75 -5.72
CA ASP A 145 -0.38 -0.34 -5.55
C ASP A 145 -0.72 -1.17 -4.31
N ILE A 146 -1.99 -1.51 -4.20
CA ILE A 146 -2.46 -2.31 -3.07
C ILE A 146 -2.02 -3.76 -3.26
N LYS A 147 -1.35 -4.29 -2.24
CA LYS A 147 -0.85 -5.66 -2.20
C LYS A 147 -0.30 -5.86 -0.79
N SER A 148 0.01 -7.10 -0.41
CA SER A 148 0.51 -7.39 0.94
C SER A 148 1.81 -6.66 1.29
N ASP A 149 2.68 -6.46 0.29
CA ASP A 149 3.94 -5.79 0.52
C ASP A 149 3.73 -4.34 0.98
N SER A 150 2.60 -3.76 0.60
CA SER A 150 2.28 -2.38 0.94
C SER A 150 1.59 -2.21 2.29
N ILE A 151 1.38 -3.32 3.00
CA ILE A 151 0.74 -3.26 4.30
C ILE A 151 1.79 -3.48 5.39
N LEU A 152 1.94 -2.52 6.29
CA LEU A 152 2.91 -2.67 7.38
C LEU A 152 2.18 -2.83 8.71
N LEU A 153 2.83 -3.49 9.66
CA LEU A 153 2.20 -3.73 10.95
C LEU A 153 2.99 -3.14 12.11
N THR A 154 2.27 -2.66 13.12
CA THR A 154 2.94 -2.10 14.29
C THR A 154 3.26 -3.28 15.22
N HIS A 155 4.04 -3.02 16.27
CA HIS A 155 4.39 -4.09 17.20
C HIS A 155 3.14 -4.70 17.86
N ASP A 156 2.12 -3.89 18.08
CA ASP A 156 0.89 -4.36 18.72
C ASP A 156 -0.20 -4.87 17.76
N GLY A 157 0.16 -5.09 16.50
CA GLY A 157 -0.81 -5.63 15.55
C GLY A 157 -1.70 -4.66 14.79
N ARG A 158 -1.36 -3.37 14.79
CA ARG A 158 -2.16 -2.39 14.06
C ARG A 158 -1.73 -2.39 12.59
N VAL A 159 -2.71 -2.31 11.69
CA VAL A 159 -2.47 -2.33 10.25
C VAL A 159 -2.42 -0.93 9.62
N LYS A 160 -1.36 -0.69 8.84
CA LYS A 160 -1.21 0.60 8.17
C LYS A 160 -0.85 0.47 6.69
N LEU A 161 -1.50 1.28 5.86
CA LEU A 161 -1.24 1.27 4.43
C LEU A 161 0.00 2.12 4.17
N SER A 162 0.91 1.57 3.36
CA SER A 162 2.16 2.25 3.04
C SER A 162 2.44 2.21 1.53
N ASP A 163 3.62 2.70 1.15
CA ASP A 163 4.06 2.72 -0.25
C ASP A 163 3.12 3.42 -1.23
N PHE A 164 2.97 4.74 -1.06
CA PHE A 164 2.12 5.52 -1.95
C PHE A 164 2.92 6.03 -3.16
N GLY A 165 4.01 5.36 -3.48
CA GLY A 165 4.85 5.75 -4.61
C GLY A 165 4.17 5.84 -5.98
N PHE A 166 3.02 5.20 -6.13
CA PHE A 166 2.29 5.22 -7.41
C PHE A 166 0.97 5.96 -7.29
N CYS A 167 0.71 6.59 -6.14
CA CYS A 167 -0.56 7.27 -5.94
C CYS A 167 -0.84 8.42 -6.89
N ALA A 168 -2.11 8.77 -6.97
CA ALA A 168 -2.55 9.87 -7.81
C ALA A 168 -3.66 10.60 -7.09
N GLN A 169 -3.90 11.83 -7.53
CA GLN A 169 -4.95 12.67 -6.97
C GLN A 169 -5.84 13.08 -8.13
N VAL A 170 -7.12 12.73 -8.05
CA VAL A 170 -8.07 13.08 -9.09
C VAL A 170 -8.91 14.24 -8.58
N SER A 171 -9.41 15.07 -9.50
CA SER A 171 -10.22 16.21 -9.11
C SER A 171 -11.31 16.50 -10.15
N LYS A 172 -12.27 17.33 -9.76
CA LYS A 172 -13.37 17.70 -10.64
C LYS A 172 -12.77 18.09 -11.99
N GLU A 173 -11.59 18.70 -11.93
CA GLU A 173 -10.86 19.13 -13.13
C GLU A 173 -10.45 17.90 -13.95
N VAL A 174 -9.81 16.94 -13.29
CA VAL A 174 -9.37 15.68 -13.92
C VAL A 174 -9.85 14.55 -13.00
N PRO A 175 -11.08 14.06 -13.22
CA PRO A 175 -11.69 13.00 -12.43
C PRO A 175 -11.18 11.57 -12.62
N ARG A 176 -10.45 11.32 -13.71
CA ARG A 176 -9.94 9.97 -13.95
C ARG A 176 -8.50 9.96 -14.41
N ARG A 177 -7.82 8.82 -14.18
CA ARG A 177 -6.43 8.65 -14.57
C ARG A 177 -6.37 7.55 -15.64
N LYS A 178 -5.22 7.43 -16.31
CA LYS A 178 -5.07 6.42 -17.34
C LYS A 178 -3.71 5.72 -17.28
N SEP A 179 -2.86 6.15 -16.36
CA SEP A 179 -1.53 5.58 -16.22
CB SEP A 179 -0.72 6.32 -15.19
OG SEP A 179 -0.53 7.68 -15.58
C SEP A 179 -1.52 4.10 -15.85
O SEP A 179 -2.29 3.66 -14.99
P SEP A 179 -0.78 8.86 -14.55
O1P SEP A 179 -0.70 10.11 -15.33
O2P SEP A 179 0.18 8.64 -13.43
O3P SEP A 179 -2.21 8.60 -14.08
N LEU A 180 -0.64 3.36 -16.50
CA LEU A 180 -0.48 1.94 -16.26
C LEU A 180 0.55 1.85 -15.13
N VAL A 181 0.06 1.80 -13.91
CA VAL A 181 0.98 1.72 -12.76
C VAL A 181 0.55 0.65 -11.78
N GLY A 182 1.46 0.28 -10.88
CA GLY A 182 1.15 -0.73 -9.89
C GLY A 182 2.03 -1.97 -10.05
N THR A 183 1.50 -3.11 -9.63
CA THR A 183 2.22 -4.37 -9.71
C THR A 183 1.31 -5.29 -10.51
N PRO A 184 1.76 -5.74 -11.69
CA PRO A 184 1.04 -6.63 -12.61
C PRO A 184 -0.08 -7.50 -12.05
N TYR A 185 0.27 -8.41 -11.13
CA TYR A 185 -0.70 -9.35 -10.56
C TYR A 185 -1.86 -8.73 -9.80
N TRP A 186 -1.69 -7.50 -9.33
CA TRP A 186 -2.73 -6.82 -8.55
C TRP A 186 -3.53 -5.74 -9.31
N MET A 187 -3.09 -5.42 -10.51
CA MET A 187 -3.72 -4.39 -11.34
C MET A 187 -5.17 -4.67 -11.78
N ALA A 188 -6.00 -3.65 -11.71
CA ALA A 188 -7.41 -3.77 -12.10
C ALA A 188 -7.48 -3.93 -13.61
N PRO A 189 -8.49 -4.65 -14.12
CA PRO A 189 -8.63 -4.85 -15.56
C PRO A 189 -8.78 -3.57 -16.38
N GLU A 190 -9.61 -2.64 -15.92
CA GLU A 190 -9.79 -1.38 -16.64
C GLU A 190 -8.49 -0.57 -16.66
N LEU A 191 -7.63 -0.80 -15.68
CA LEU A 191 -6.35 -0.08 -15.61
C LEU A 191 -5.39 -0.70 -16.61
N ILE A 192 -5.36 -2.03 -16.67
CA ILE A 192 -4.49 -2.72 -17.61
C ILE A 192 -4.95 -2.35 -19.03
N SER A 193 -6.27 -2.17 -19.20
CA SER A 193 -6.85 -1.80 -20.49
C SER A 193 -6.54 -0.36 -20.89
N ARG A 194 -5.93 0.41 -19.98
CA ARG A 194 -5.57 1.79 -20.25
C ARG A 194 -6.81 2.70 -20.41
N LEU A 195 -7.91 2.32 -19.77
CA LEU A 195 -9.13 3.09 -19.84
C LEU A 195 -9.12 4.14 -18.73
N PRO A 196 -9.90 5.22 -18.88
CA PRO A 196 -9.92 6.24 -17.81
C PRO A 196 -10.49 5.51 -16.60
N TYR A 197 -9.77 5.52 -15.48
CA TYR A 197 -10.23 4.81 -14.30
C TYR A 197 -10.23 5.68 -13.04
N GLY A 198 -10.85 5.16 -11.99
CA GLY A 198 -10.91 5.90 -10.74
C GLY A 198 -10.50 5.11 -9.51
N PRO A 199 -10.94 5.53 -8.32
CA PRO A 199 -10.62 4.88 -7.05
C PRO A 199 -10.96 3.39 -6.97
N GLU A 200 -11.83 2.92 -7.86
CA GLU A 200 -12.24 1.52 -7.87
C GLU A 200 -11.10 0.54 -8.13
N VAL A 201 -10.02 1.01 -8.74
CA VAL A 201 -8.90 0.13 -9.01
C VAL A 201 -8.31 -0.43 -7.71
N ASP A 202 -8.36 0.37 -6.64
CA ASP A 202 -7.83 -0.07 -5.34
C ASP A 202 -8.66 -1.19 -4.74
N ILE A 203 -9.97 -1.17 -5.02
CA ILE A 203 -10.88 -2.18 -4.51
C ILE A 203 -10.59 -3.54 -5.15
N TRP A 204 -10.30 -3.54 -6.44
CA TRP A 204 -9.96 -4.78 -7.14
C TRP A 204 -8.62 -5.30 -6.63
N SER A 205 -7.66 -4.40 -6.45
CA SER A 205 -6.34 -4.80 -5.94
C SER A 205 -6.50 -5.41 -4.55
N LEU A 206 -7.35 -4.80 -3.72
CA LEU A 206 -7.58 -5.31 -2.38
C LEU A 206 -8.13 -6.74 -2.51
N GLY A 207 -9.01 -6.94 -3.48
CA GLY A 207 -9.58 -8.27 -3.70
C GLY A 207 -8.50 -9.29 -3.97
N ILE A 208 -7.50 -8.89 -4.75
CA ILE A 208 -6.38 -9.77 -5.07
C ILE A 208 -5.58 -10.02 -3.78
N MET A 209 -5.50 -9.00 -2.92
CA MET A 209 -4.78 -9.14 -1.67
C MET A 209 -5.51 -10.15 -0.78
N VAL A 210 -6.84 -10.18 -0.88
CA VAL A 210 -7.63 -11.13 -0.10
C VAL A 210 -7.26 -12.55 -0.56
N ILE A 211 -7.15 -12.76 -1.88
CA ILE A 211 -6.78 -14.08 -2.40
C ILE A 211 -5.39 -14.44 -1.86
N GLU A 212 -4.54 -13.43 -1.71
CA GLU A 212 -3.21 -13.65 -1.15
C GLU A 212 -3.30 -14.19 0.26
N MET A 213 -4.12 -13.54 1.08
CA MET A 213 -4.30 -13.94 2.47
C MET A 213 -4.90 -15.34 2.58
N VAL A 214 -5.72 -15.72 1.60
CA VAL A 214 -6.37 -17.02 1.62
C VAL A 214 -5.54 -18.15 1.00
N ASP A 215 -4.96 -17.91 -0.19
CA ASP A 215 -4.17 -18.95 -0.85
C ASP A 215 -2.66 -18.81 -0.75
N GLY A 216 -2.17 -17.68 -0.29
CA GLY A 216 -0.74 -17.49 -0.17
C GLY A 216 -0.06 -16.78 -1.33
N GLU A 217 -0.78 -16.59 -2.42
CA GLU A 217 -0.25 -15.88 -3.59
C GLU A 217 -1.42 -15.35 -4.42
N PRO A 218 -1.16 -14.37 -5.30
CA PRO A 218 -2.26 -13.84 -6.12
C PRO A 218 -2.47 -14.75 -7.32
N PRO A 219 -3.57 -14.55 -8.06
CA PRO A 219 -3.84 -15.38 -9.23
C PRO A 219 -2.73 -15.28 -10.30
N TYR A 220 -2.53 -16.38 -11.03
CA TYR A 220 -1.56 -16.44 -12.11
C TYR A 220 -0.13 -16.06 -11.72
N PHE A 221 0.18 -16.14 -10.43
CA PHE A 221 1.50 -15.79 -9.95
C PHE A 221 2.59 -16.63 -10.61
N ASN A 222 2.20 -17.81 -11.10
CA ASN A 222 3.13 -18.71 -11.75
C ASN A 222 3.32 -18.36 -13.23
N GLU A 223 2.62 -17.33 -13.69
CA GLU A 223 2.73 -16.89 -15.08
C GLU A 223 3.56 -15.63 -15.24
N PRO A 224 4.13 -15.41 -16.42
CA PRO A 224 4.93 -14.19 -16.62
C PRO A 224 4.01 -13.01 -16.34
N PRO A 225 4.57 -11.90 -15.82
CA PRO A 225 3.76 -10.71 -15.51
C PRO A 225 2.86 -10.17 -16.62
N LEU A 226 3.39 -10.10 -17.84
CA LEU A 226 2.60 -9.61 -18.97
C LEU A 226 1.49 -10.58 -19.34
N LYS A 227 1.72 -11.86 -19.09
CA LYS A 227 0.74 -12.89 -19.41
C LYS A 227 -0.41 -12.82 -18.41
N ALA A 228 -0.07 -12.65 -17.13
CA ALA A 228 -1.09 -12.56 -16.09
C ALA A 228 -1.97 -11.35 -16.34
N MET A 229 -1.36 -10.26 -16.78
CA MET A 229 -2.08 -9.02 -17.06
C MET A 229 -3.13 -9.23 -18.15
N LYS A 230 -2.77 -9.95 -19.20
CA LYS A 230 -3.70 -10.22 -20.29
C LYS A 230 -4.90 -11.03 -19.78
N MET A 231 -4.62 -12.01 -18.93
CA MET A 231 -5.66 -12.86 -18.38
C MET A 231 -6.61 -12.11 -17.44
N ILE A 232 -6.06 -11.18 -16.66
CA ILE A 232 -6.90 -10.41 -15.75
C ILE A 232 -7.73 -9.47 -16.60
N ARG A 233 -7.09 -8.90 -17.62
CA ARG A 233 -7.75 -7.96 -18.52
C ARG A 233 -8.86 -8.55 -19.38
N ASP A 234 -8.64 -9.75 -19.93
CA ASP A 234 -9.63 -10.34 -20.83
C ASP A 234 -10.49 -11.49 -20.33
N ASN A 235 -10.03 -12.23 -19.34
CA ASN A 235 -10.78 -13.36 -18.83
C ASN A 235 -11.67 -13.03 -17.64
N LEU A 236 -12.52 -13.98 -17.27
CA LEU A 236 -13.42 -13.83 -16.14
C LEU A 236 -12.60 -13.62 -14.88
N PRO A 237 -13.22 -13.05 -13.83
CA PRO A 237 -12.52 -12.80 -12.57
C PRO A 237 -11.76 -14.03 -12.04
N PRO A 238 -10.53 -13.82 -11.54
CA PRO A 238 -9.74 -14.94 -11.03
C PRO A 238 -10.44 -15.56 -9.82
N ARG A 239 -10.26 -16.86 -9.62
CA ARG A 239 -10.90 -17.55 -8.51
C ARG A 239 -9.94 -18.10 -7.47
N LEU A 240 -10.47 -18.38 -6.29
CA LEU A 240 -9.70 -18.93 -5.17
C LEU A 240 -9.46 -20.40 -5.43
N LYS A 241 -8.29 -20.89 -5.07
CA LYS A 241 -7.99 -22.30 -5.24
C LYS A 241 -8.72 -23.00 -4.10
N ASN A 242 -8.61 -22.43 -2.91
CA ASN A 242 -9.27 -22.96 -1.73
C ASN A 242 -10.65 -22.31 -1.58
N LEU A 243 -11.50 -22.51 -2.58
CA LEU A 243 -12.84 -21.91 -2.59
C LEU A 243 -13.70 -22.32 -1.40
N HIS A 244 -13.57 -23.58 -0.98
CA HIS A 244 -14.38 -24.07 0.13
C HIS A 244 -13.73 -23.77 1.49
N LYS A 245 -12.50 -23.28 1.47
CA LYS A 245 -11.82 -22.96 2.73
C LYS A 245 -12.36 -21.67 3.33
N VAL A 246 -13.23 -20.97 2.60
CA VAL A 246 -13.79 -19.72 3.09
C VAL A 246 -15.29 -19.77 3.38
N SER A 247 -15.72 -18.95 4.32
CA SER A 247 -17.14 -18.88 4.70
C SER A 247 -17.94 -18.12 3.66
N PRO A 248 -19.27 -18.33 3.64
CA PRO A 248 -20.12 -17.63 2.68
C PRO A 248 -19.99 -16.12 2.82
N SER A 249 -19.63 -15.68 4.04
CA SER A 249 -19.47 -14.26 4.32
C SER A 249 -18.27 -13.68 3.57
N LEU A 250 -17.18 -14.44 3.54
CA LEU A 250 -15.96 -14.01 2.85
C LEU A 250 -16.10 -14.15 1.34
N LYS A 251 -16.86 -15.14 0.90
CA LYS A 251 -17.09 -15.36 -0.53
C LYS A 251 -17.86 -14.15 -1.07
N GLY A 252 -18.94 -13.81 -0.37
CA GLY A 252 -19.75 -12.67 -0.78
C GLY A 252 -18.95 -11.39 -0.75
N PHE A 253 -18.06 -11.27 0.23
CA PHE A 253 -17.21 -10.09 0.36
C PHE A 253 -16.33 -10.00 -0.87
N LEU A 254 -15.57 -11.06 -1.13
CA LEU A 254 -14.68 -11.13 -2.28
C LEU A 254 -15.40 -10.92 -3.61
N ASP A 255 -16.66 -11.33 -3.68
CA ASP A 255 -17.45 -11.17 -4.91
C ASP A 255 -17.80 -9.70 -5.19
N ARG A 256 -17.67 -8.86 -4.17
CA ARG A 256 -17.98 -7.43 -4.33
C ARG A 256 -16.73 -6.65 -4.72
N LEU A 257 -15.58 -7.28 -4.58
CA LEU A 257 -14.31 -6.64 -4.91
C LEU A 257 -13.85 -6.99 -6.33
N LEU A 258 -13.89 -8.27 -6.65
CA LEU A 258 -13.45 -8.74 -7.95
C LEU A 258 -14.52 -8.68 -9.04
N VAL A 259 -14.94 -7.46 -9.36
CA VAL A 259 -15.94 -7.22 -10.40
C VAL A 259 -15.22 -6.45 -11.49
N ARG A 260 -15.29 -6.96 -12.72
CA ARG A 260 -14.62 -6.33 -13.85
C ARG A 260 -15.15 -4.94 -14.16
N ASP A 261 -16.47 -4.80 -14.19
CA ASP A 261 -17.09 -3.51 -14.45
C ASP A 261 -16.96 -2.68 -13.17
N PRO A 262 -16.03 -1.72 -13.14
CA PRO A 262 -15.84 -0.89 -11.95
C PRO A 262 -17.13 -0.22 -11.45
N ALA A 263 -18.07 -0.01 -12.35
CA ALA A 263 -19.34 0.63 -11.98
C ALA A 263 -20.18 -0.27 -11.07
N GLN A 264 -19.98 -1.58 -11.19
CA GLN A 264 -20.73 -2.53 -10.37
C GLN A 264 -19.91 -3.04 -9.19
N ARG A 265 -18.65 -2.59 -9.11
CA ARG A 265 -17.75 -2.98 -8.03
C ARG A 265 -18.10 -2.12 -6.81
N ALA A 266 -18.01 -2.70 -5.62
CA ALA A 266 -18.32 -1.97 -4.40
C ALA A 266 -17.28 -0.90 -4.06
N THR A 267 -17.73 0.20 -3.46
CA THR A 267 -16.84 1.27 -3.05
C THR A 267 -16.32 0.92 -1.66
N ALA A 268 -15.32 1.64 -1.17
CA ALA A 268 -14.78 1.37 0.16
C ALA A 268 -15.82 1.66 1.25
N ALA A 269 -16.45 2.82 1.15
CA ALA A 269 -17.46 3.22 2.13
C ALA A 269 -18.54 2.15 2.29
N GLU A 270 -18.99 1.58 1.18
CA GLU A 270 -20.02 0.54 1.24
C GLU A 270 -19.50 -0.74 1.89
N LEU A 271 -18.29 -1.15 1.50
CA LEU A 271 -17.67 -2.36 2.03
C LEU A 271 -17.47 -2.35 3.55
N LEU A 272 -17.36 -1.16 4.13
CA LEU A 272 -17.18 -1.06 5.57
C LEU A 272 -18.41 -1.60 6.27
N LYS A 273 -19.54 -1.59 5.56
CA LYS A 273 -20.80 -2.09 6.11
C LYS A 273 -21.00 -3.57 5.83
N HIS A 274 -20.10 -4.18 5.07
CA HIS A 274 -20.25 -5.59 4.74
C HIS A 274 -20.09 -6.55 5.91
N PRO A 275 -21.04 -7.50 6.05
CA PRO A 275 -21.10 -8.51 7.11
C PRO A 275 -19.78 -9.18 7.47
N PHE A 276 -18.96 -9.50 6.48
CA PHE A 276 -17.68 -10.15 6.74
C PHE A 276 -16.79 -9.41 7.73
N LEU A 277 -16.74 -8.09 7.60
CA LEU A 277 -15.91 -7.28 8.48
C LEU A 277 -16.33 -7.31 9.95
N ALA A 278 -17.52 -7.84 10.22
CA ALA A 278 -18.02 -7.94 11.58
C ALA A 278 -17.20 -9.00 12.32
N LYS A 279 -16.51 -9.84 11.55
CA LYS A 279 -15.68 -10.91 12.09
C LYS A 279 -14.26 -10.43 12.41
N ALA A 280 -13.99 -9.17 12.09
CA ALA A 280 -12.67 -8.60 12.34
C ALA A 280 -12.24 -8.67 13.80
N GLY A 281 -11.11 -9.30 14.06
CA GLY A 281 -10.60 -9.39 15.42
C GLY A 281 -9.87 -8.11 15.79
N PRO A 282 -9.37 -8.01 17.02
CA PRO A 282 -8.65 -6.81 17.46
C PRO A 282 -7.19 -6.84 17.05
N PRO A 283 -6.47 -5.71 17.23
CA PRO A 283 -5.05 -5.63 16.88
C PRO A 283 -4.25 -6.78 17.48
N ALA A 284 -4.57 -7.12 18.73
CA ALA A 284 -3.90 -8.21 19.43
C ALA A 284 -4.00 -9.55 18.72
N SER A 285 -5.10 -9.78 18.00
CA SER A 285 -5.30 -11.04 17.29
C SER A 285 -4.29 -11.24 16.16
N ILE A 286 -3.69 -10.14 15.72
CA ILE A 286 -2.70 -10.18 14.65
C ILE A 286 -1.29 -10.49 15.15
N VAL A 287 -0.99 -10.04 16.36
CA VAL A 287 0.33 -10.25 16.95
C VAL A 287 0.92 -11.65 16.77
N PRO A 288 0.19 -12.71 17.17
CA PRO A 288 0.72 -14.08 17.03
C PRO A 288 1.23 -14.42 15.63
N LEU A 289 0.72 -13.71 14.62
CA LEU A 289 1.11 -13.94 13.23
C LEU A 289 2.53 -13.47 12.91
N MET A 290 2.95 -12.37 13.53
CA MET A 290 4.27 -11.81 13.28
C MET A 290 5.40 -12.81 13.45
N ARG A 291 6.45 -12.64 12.65
CA ARG A 291 7.61 -13.52 12.67
C ARG A 291 8.22 -13.74 14.05
N GLN A 292 8.61 -12.65 14.71
CA GLN A 292 9.23 -12.75 16.02
C GLN A 292 8.28 -13.36 17.05
N ASN A 293 7.06 -13.66 16.63
CA ASN A 293 6.07 -14.26 17.53
C ASN A 293 5.59 -15.62 17.05
N ARG A 294 6.10 -16.08 15.92
CA ARG A 294 5.72 -17.38 15.39
C ARG A 294 6.55 -18.49 16.03
N THR A 295 6.20 -19.68 15.84
C1 GOL B . 6.91 -1.34 -4.95
O1 GOL B . 5.58 -1.61 -5.32
C2 GOL B . 7.19 -1.85 -3.54
O2 GOL B . 6.81 -3.24 -3.39
C3 GOL B . 8.69 -1.57 -3.29
O3 GOL B . 9.23 -2.08 -2.09
C1 GOL C . 8.46 4.39 -3.32
O1 GOL C . 8.85 5.54 -2.57
C2 GOL C . 7.50 3.48 -2.52
O2 GOL C . 6.30 4.23 -2.14
C3 GOL C . 7.15 2.23 -3.37
O3 GOL C . 6.58 2.58 -4.66
C1 7KC D . 10.83 -3.45 9.38
C2 7KC D . 11.83 -4.37 8.90
C8 7KC D . 10.98 -5.51 10.81
C9 7KC D . 11.89 -5.54 9.73
C11 7KC D . 13.12 -2.50 5.94
C12 7KC D . 9.36 -0.04 8.63
C13 7KC D . 9.42 0.39 7.29
C14 7KC D . 9.04 1.71 7.36
N18 7KC D . 9.27 1.23 5.16
C19 7KC D . 9.03 2.44 6.04
C20 7KC D . 9.14 1.30 3.79
C24 7KC D . 8.96 -1.24 1.04
N25 7KC D . 7.64 -1.84 1.35
C27 7KC D . 7.21 -1.92 2.75
C30 7KC D . 12.50 1.84 0.54
C31 7KC D . 12.15 2.28 -0.78
C32 7KC D . 10.85 2.04 -1.32
C33 7KC D . 9.88 1.37 -0.52
C34 7KC D . 7.64 3.08 5.86
C35 7KC D . 10.11 3.54 6.02
C29 7KC D . 11.51 1.17 1.33
C28 7KC D . 10.20 0.94 0.80
C23 7KC D . 9.18 0.21 1.60
C26 7KC D . 7.64 -3.22 0.80
N22 7KC D . 9.33 0.20 3.09
O21 7KC D . 8.87 2.37 3.24
C17 7KC D . 9.64 -0.04 5.89
N15 7KC D . 8.74 2.09 8.61
N16 7KC D . 8.94 0.96 9.43
N10 7KC D . 9.74 -1.39 9.06
C6 7KC D . 10.66 -2.27 8.66
S7 7KC D . 10.08 -4.08 10.78
N3 7KC D . 12.56 -4.01 7.77
C4 7KC D . 12.34 -2.85 7.12
N5 7KC D . 11.40 -1.99 7.56
#